data_4C1U
#
_entry.id   4C1U
#
_cell.length_a   67.470
_cell.length_b   96.630
_cell.length_c   56.310
_cell.angle_alpha   90.00
_cell.angle_beta   90.00
_cell.angle_gamma   90.00
#
_symmetry.space_group_name_H-M   'P 21 21 2'
#
loop_
_entity.id
_entity.type
_entity.pdbx_description
1 polymer 'SUGAR TRANSPORTER SOLUTE-BINDING PROTEIN'
2 branched alpha-L-arabinofuranose-(1-3)-beta-D-xylopyranose-(1-4)-beta-D-xylopyranose
3 non-polymer 'PENTAETHYLENE GLYCOL'
4 water water
#
_entity_poly.entity_id   1
_entity_poly.type   'polypeptide(L)'
_entity_poly.pdbx_seq_one_letter_code
;GSHMASMSACGGSESSSDDKTITFWHNASAGEGRQYWENLAKSFEEANPGTKVEIQAIQNEDFAGKLQTAMQDPASGPDV
FMSLGGAKTKEMIDAGQVMDLTDKISDTVKTDMKTTLSAATFDGKVYGVPVSVEPGGMWYSKDLFKKAGVSDVPATYEEL
LADAKKLKDSGTDAIALGAKDAWPAAHWYYWLVLRECSPEVYDKSVQDHDFSNACWVNAGKKLQELKDLKVFNDGFLTTT
AQQGANSSAGLLANHKAAMELMGAWEPGVLKDLTPDQKPMADLGFFAFPEVAGGEGEPGALMGGVTYFCVNPKASQTSID
FVNYMGEKKNQEDYAKAFSTIPASEPARAVVTDESLKQVIEYLDKAPSMQLWMDTALGTNIGNALNAAVVNMLSGQGSPE
DIVKAMQDAAQKG
;
_entity_poly.pdbx_strand_id   A
#
# COMPACT_ATOMS: atom_id res chain seq x y z
N ASP A 18 -22.23 25.24 5.21
CA ASP A 18 -21.32 26.25 5.72
C ASP A 18 -19.93 26.08 5.09
N ASP A 19 -19.46 27.13 4.43
CA ASP A 19 -18.18 27.10 3.71
C ASP A 19 -16.99 26.71 4.59
N LYS A 20 -17.13 26.83 5.91
CA LYS A 20 -16.04 26.54 6.83
C LYS A 20 -16.15 25.18 7.51
N THR A 21 -17.23 24.46 7.21
CA THR A 21 -17.41 23.10 7.70
C THR A 21 -17.09 22.12 6.58
N ILE A 22 -16.16 21.20 6.84
CA ILE A 22 -15.74 20.23 5.82
C ILE A 22 -15.86 18.79 6.31
N THR A 23 -16.18 17.90 5.38
CA THR A 23 -16.25 16.47 5.65
C THR A 23 -14.95 15.80 5.19
N PHE A 24 -14.36 15.02 6.08
CA PHE A 24 -13.03 14.47 5.88
C PHE A 24 -13.05 12.95 5.98
N TRP A 25 -12.76 12.28 4.88
CA TRP A 25 -12.75 10.82 4.82
C TRP A 25 -11.32 10.28 4.75
N HIS A 26 -10.99 9.36 5.65
CA HIS A 26 -9.69 8.68 5.62
C HIS A 26 -9.84 7.21 5.99
N ASN A 27 -8.75 6.46 5.93
CA ASN A 27 -8.81 5.01 6.10
C ASN A 27 -8.20 4.48 7.39
N ALA A 28 -7.90 5.37 8.33
CA ALA A 28 -7.37 4.97 9.63
C ALA A 28 -8.51 4.68 10.59
N SER A 29 -9.00 3.45 10.57
CA SER A 29 -10.20 3.08 11.33
C SER A 29 -9.90 2.67 12.77
N ALA A 30 -8.63 2.54 13.11
CA ALA A 30 -8.25 2.12 14.47
C ALA A 30 -6.85 2.61 14.83
N GLY A 31 -6.54 2.55 16.13
CA GLY A 31 -5.19 2.81 16.61
C GLY A 31 -4.79 4.26 16.65
N GLU A 32 -3.48 4.50 16.67
CA GLU A 32 -2.94 5.86 16.79
C GLU A 32 -3.17 6.67 15.53
N GLY A 33 -3.31 5.99 14.40
CA GLY A 33 -3.59 6.66 13.14
C GLY A 33 -4.93 7.37 13.19
N ARG A 34 -5.94 6.69 13.74
CA ARG A 34 -7.26 7.27 13.88
C ARG A 34 -7.23 8.46 14.82
N GLN A 35 -6.46 8.36 15.88
CA GLN A 35 -6.34 9.43 16.86
C GLN A 35 -5.56 10.61 16.29
N TYR A 36 -4.61 10.32 15.42
CA TYR A 36 -3.82 11.37 14.79
C TYR A 36 -4.71 12.34 14.03
N TRP A 37 -5.62 11.80 13.22
CA TRP A 37 -6.50 12.62 12.40
C TRP A 37 -7.43 13.47 13.27
N GLU A 38 -7.92 12.88 14.36
CA GLU A 38 -8.74 13.61 15.32
C GLU A 38 -7.96 14.79 15.88
N ASN A 39 -6.72 14.53 16.28
CA ASN A 39 -5.85 15.58 16.83
C ASN A 39 -5.54 16.66 15.80
N LEU A 40 -5.30 16.25 14.55
CA LEU A 40 -4.99 17.20 13.49
C LEU A 40 -6.19 18.10 13.23
N ALA A 41 -7.37 17.49 13.14
CA ALA A 41 -8.60 18.22 12.93
C ALA A 41 -8.82 19.23 14.06
N LYS A 42 -8.65 18.78 15.30
CA LYS A 42 -8.83 19.64 16.46
C LYS A 42 -7.84 20.80 16.43
N SER A 43 -6.59 20.51 16.09
CA SER A 43 -5.56 21.54 16.04
C SER A 43 -5.85 22.53 14.92
N PHE A 44 -6.40 22.04 13.81
CA PHE A 44 -6.79 22.90 12.70
C PHE A 44 -7.92 23.82 13.12
N GLU A 45 -8.91 23.25 13.83
CA GLU A 45 -10.06 24.01 14.30
C GLU A 45 -9.64 25.07 15.31
N GLU A 46 -8.61 24.76 16.10
CA GLU A 46 -8.08 25.70 17.07
C GLU A 46 -7.34 26.82 16.38
N ALA A 47 -6.60 26.49 15.34
CA ALA A 47 -5.76 27.46 14.63
C ALA A 47 -6.57 28.31 13.66
N ASN A 48 -7.71 27.79 13.23
CA ASN A 48 -8.60 28.50 12.32
C ASN A 48 -10.01 28.56 12.90
N PRO A 49 -10.23 29.44 13.89
CA PRO A 49 -11.53 29.54 14.56
C PRO A 49 -12.68 29.78 13.58
N GLY A 50 -13.76 29.02 13.75
CA GLY A 50 -14.91 29.09 12.85
C GLY A 50 -14.98 27.87 11.95
N THR A 51 -13.86 27.18 11.80
CA THR A 51 -13.81 25.98 10.98
C THR A 51 -14.19 24.74 11.79
N LYS A 52 -14.79 23.76 11.12
CA LYS A 52 -15.19 22.52 11.74
C LYS A 52 -14.89 21.35 10.79
N VAL A 53 -14.14 20.38 11.28
CA VAL A 53 -13.81 19.19 10.50
C VAL A 53 -14.58 18.00 11.01
N GLU A 54 -15.47 17.46 10.18
CA GLU A 54 -16.26 16.29 10.52
C GLU A 54 -15.63 15.05 9.87
N ILE A 55 -15.17 14.13 10.70
CA ILE A 55 -14.35 13.01 10.26
C ILE A 55 -15.14 11.72 10.08
N GLN A 56 -14.88 11.01 9.00
CA GLN A 56 -15.35 9.65 8.81
C GLN A 56 -14.15 8.71 8.68
N ALA A 57 -13.89 7.94 9.72
CA ALA A 57 -12.82 6.96 9.70
C ALA A 57 -13.35 5.65 9.13
N ILE A 58 -12.83 5.27 7.97
CA ILE A 58 -13.39 4.16 7.20
C ILE A 58 -12.41 3.00 7.15
N GLN A 59 -12.90 1.79 7.36
CA GLN A 59 -12.06 0.60 7.26
C GLN A 59 -11.53 0.50 5.84
N ASN A 60 -10.24 0.22 5.71
CA ASN A 60 -9.54 0.32 4.43
C ASN A 60 -10.21 -0.45 3.30
N GLU A 61 -10.70 -1.64 3.59
CA GLU A 61 -11.26 -2.51 2.56
C GLU A 61 -12.62 -2.01 2.05
N ASP A 62 -13.23 -1.08 2.79
CA ASP A 62 -14.50 -0.48 2.39
C ASP A 62 -14.30 0.84 1.66
N PHE A 63 -13.09 1.39 1.74
CA PHE A 63 -12.86 2.78 1.35
C PHE A 63 -13.15 3.09 -0.13
N ALA A 64 -12.51 2.36 -1.03
CA ALA A 64 -12.64 2.61 -2.46
C ALA A 64 -14.11 2.55 -2.89
N GLY A 65 -14.82 1.54 -2.40
CA GLY A 65 -16.22 1.36 -2.74
C GLY A 65 -17.09 2.50 -2.23
N LYS A 66 -16.81 2.94 -1.01
CA LYS A 66 -17.58 4.02 -0.39
C LYS A 66 -17.28 5.35 -1.08
N LEU A 67 -16.01 5.60 -1.39
CA LEU A 67 -15.60 6.85 -2.00
C LEU A 67 -16.14 6.97 -3.42
N GLN A 68 -16.01 5.91 -4.20
CA GLN A 68 -16.45 5.91 -5.59
C GLN A 68 -17.97 6.09 -5.67
N THR A 69 -18.69 5.44 -4.76
CA THR A 69 -20.14 5.55 -4.72
C THR A 69 -20.55 6.96 -4.34
N ALA A 70 -19.89 7.52 -3.33
CA ALA A 70 -20.26 8.84 -2.81
C ALA A 70 -19.96 9.95 -3.81
N MET A 71 -18.87 9.82 -4.56
CA MET A 71 -18.45 10.88 -5.48
C MET A 71 -19.18 10.84 -6.81
N GLN A 72 -20.12 9.91 -6.95
CA GLN A 72 -21.04 9.93 -8.09
C GLN A 72 -21.90 11.19 -8.01
N ASP A 73 -22.02 11.75 -6.80
CA ASP A 73 -22.70 13.01 -6.58
C ASP A 73 -21.84 13.89 -5.68
N PRO A 74 -20.88 14.61 -6.28
CA PRO A 74 -19.92 15.45 -5.55
C PRO A 74 -20.56 16.40 -4.53
N ALA A 75 -21.76 16.90 -4.82
CA ALA A 75 -22.41 17.86 -3.95
C ALA A 75 -22.67 17.29 -2.55
N SER A 76 -22.81 15.97 -2.45
CA SER A 76 -23.05 15.32 -1.17
C SER A 76 -21.89 14.41 -0.75
N GLY A 77 -20.82 14.40 -1.54
CA GLY A 77 -19.65 13.60 -1.22
C GLY A 77 -18.73 14.33 -0.27
N PRO A 78 -17.66 13.64 0.20
CA PRO A 78 -16.70 14.24 1.12
C PRO A 78 -15.95 15.42 0.51
N ASP A 79 -15.59 16.40 1.32
CA ASP A 79 -14.82 17.55 0.84
C ASP A 79 -13.35 17.20 0.65
N VAL A 80 -12.82 16.44 1.60
CA VAL A 80 -11.43 15.99 1.57
C VAL A 80 -11.41 14.48 1.75
N PHE A 81 -10.70 13.79 0.85
CA PHE A 81 -10.67 12.33 0.90
C PHE A 81 -9.32 11.75 0.47
N MET A 82 -9.01 10.58 1.04
CA MET A 82 -7.77 9.89 0.73
C MET A 82 -7.77 9.38 -0.71
N SER A 83 -6.60 9.37 -1.31
CA SER A 83 -6.44 8.91 -2.69
C SER A 83 -6.55 7.39 -2.80
N LEU A 84 -6.90 6.93 -4.01
CA LEU A 84 -6.91 5.51 -4.32
C LEU A 84 -5.64 5.15 -5.08
N GLY A 85 -5.09 6.12 -5.80
CA GLY A 85 -3.78 5.99 -6.42
C GLY A 85 -3.80 5.53 -7.86
N GLY A 86 -2.76 5.93 -8.61
CA GLY A 86 -2.58 5.49 -9.98
C GLY A 86 -3.77 5.74 -10.88
N ALA A 87 -4.15 4.71 -11.63
CA ALA A 87 -5.27 4.80 -12.56
C ALA A 87 -6.60 4.98 -11.81
N LYS A 88 -6.65 4.54 -10.56
CA LYS A 88 -7.85 4.71 -9.75
C LYS A 88 -8.10 6.18 -9.46
N THR A 89 -7.03 6.94 -9.25
CA THR A 89 -7.13 8.39 -9.13
C THR A 89 -7.53 8.99 -10.48
N LYS A 90 -6.87 8.55 -11.55
CA LYS A 90 -7.13 9.11 -12.87
C LYS A 90 -8.58 8.88 -13.30
N GLU A 91 -9.13 7.73 -12.91
CA GLU A 91 -10.54 7.44 -13.14
C GLU A 91 -11.41 8.55 -12.54
N MET A 92 -11.10 8.92 -11.30
CA MET A 92 -11.84 9.96 -10.60
C MET A 92 -11.57 11.34 -11.20
N ILE A 93 -10.34 11.57 -11.63
CA ILE A 93 -9.98 12.82 -12.30
C ILE A 93 -10.79 12.98 -13.57
N ASP A 94 -10.83 11.93 -14.39
CA ASP A 94 -11.55 11.98 -15.66
C ASP A 94 -13.05 12.18 -15.46
N ALA A 95 -13.57 11.66 -14.36
CA ALA A 95 -15.00 11.76 -14.08
C ALA A 95 -15.38 13.10 -13.45
N GLY A 96 -14.39 13.97 -13.25
CA GLY A 96 -14.64 15.29 -12.68
C GLY A 96 -14.91 15.23 -11.18
N GLN A 97 -14.23 14.32 -10.48
CA GLN A 97 -14.47 14.10 -9.06
C GLN A 97 -13.31 14.55 -8.18
N VAL A 98 -12.28 15.12 -8.79
CA VAL A 98 -11.10 15.58 -8.06
C VAL A 98 -10.67 16.95 -8.56
N MET A 99 -10.42 17.85 -7.60
CA MET A 99 -10.00 19.21 -7.92
C MET A 99 -8.52 19.28 -8.27
N ASP A 100 -8.21 20.04 -9.33
CA ASP A 100 -6.84 20.35 -9.68
C ASP A 100 -6.26 21.30 -8.65
N LEU A 101 -5.19 20.88 -7.99
CA LEU A 101 -4.57 21.66 -6.92
C LEU A 101 -3.22 22.24 -7.33
N THR A 102 -2.92 22.19 -8.62
CA THR A 102 -1.64 22.67 -9.15
C THR A 102 -1.29 24.05 -8.62
N ASP A 103 -2.28 24.94 -8.63
CA ASP A 103 -2.08 26.32 -8.21
C ASP A 103 -2.54 26.57 -6.77
N LYS A 104 -2.89 25.49 -6.07
CA LYS A 104 -3.44 25.59 -4.72
C LYS A 104 -2.49 25.07 -3.63
N ILE A 105 -1.63 24.13 -3.98
CA ILE A 105 -0.72 23.55 -2.99
C ILE A 105 0.32 24.57 -2.54
N SER A 106 0.78 24.43 -1.31
CA SER A 106 1.68 25.40 -0.70
C SER A 106 3.11 25.22 -1.14
N ASP A 107 3.92 26.27 -0.95
CA ASP A 107 5.35 26.22 -1.21
C ASP A 107 6.00 25.15 -0.34
N THR A 108 5.48 24.97 0.87
CA THR A 108 5.99 23.94 1.77
C THR A 108 5.85 22.56 1.13
N VAL A 109 4.66 22.29 0.59
CA VAL A 109 4.41 21.03 -0.09
C VAL A 109 5.27 20.91 -1.34
N LYS A 110 5.36 21.97 -2.12
CA LYS A 110 6.17 21.97 -3.35
C LYS A 110 7.62 21.64 -3.04
N THR A 111 8.11 22.16 -1.91
CA THR A 111 9.50 22.01 -1.52
C THR A 111 9.77 20.65 -0.87
N ASP A 112 8.92 20.29 0.09
CA ASP A 112 9.20 19.13 0.93
C ASP A 112 8.72 17.80 0.33
N MET A 113 7.74 17.86 -0.57
CA MET A 113 7.20 16.66 -1.20
C MET A 113 7.55 16.58 -2.69
N LYS A 114 8.70 17.11 -3.07
CA LYS A 114 9.14 17.08 -4.46
C LYS A 114 9.12 15.65 -5.02
N THR A 115 9.71 14.72 -4.28
CA THR A 115 9.89 13.36 -4.77
C THR A 115 8.56 12.58 -4.87
N THR A 116 7.58 12.94 -4.04
CA THR A 116 6.34 12.18 -3.96
C THR A 116 5.19 12.81 -4.74
N LEU A 117 5.32 14.09 -5.09
CA LEU A 117 4.27 14.80 -5.82
C LEU A 117 4.01 14.18 -7.19
N SER A 118 5.06 13.59 -7.79
CA SER A 118 4.92 12.96 -9.09
C SER A 118 3.85 11.88 -9.08
N ALA A 119 3.66 11.25 -7.92
CA ALA A 119 2.63 10.22 -7.78
C ALA A 119 1.23 10.84 -7.80
N ALA A 120 1.14 12.12 -7.46
CA ALA A 120 -0.14 12.82 -7.45
C ALA A 120 -0.30 13.69 -8.69
N THR A 121 0.64 13.58 -9.62
CA THR A 121 0.65 14.41 -10.81
C THR A 121 0.15 13.63 -12.03
N PHE A 122 -0.88 14.16 -12.68
CA PHE A 122 -1.46 13.57 -13.88
C PHE A 122 -1.62 14.65 -14.95
N ASP A 123 -1.08 14.38 -16.14
CA ASP A 123 -1.11 15.34 -17.24
C ASP A 123 -0.51 16.68 -16.82
N GLY A 124 0.53 16.60 -15.99
CA GLY A 124 1.24 17.80 -15.55
C GLY A 124 0.50 18.61 -14.51
N LYS A 125 -0.59 18.06 -13.99
CA LYS A 125 -1.39 18.74 -12.96
C LYS A 125 -1.37 17.94 -11.64
N VAL A 126 -1.22 18.66 -10.53
CA VAL A 126 -1.18 18.04 -9.21
C VAL A 126 -2.59 17.95 -8.62
N TYR A 127 -2.95 16.76 -8.14
CA TYR A 127 -4.31 16.50 -7.70
C TYR A 127 -4.42 16.09 -6.23
N GLY A 128 -3.31 16.19 -5.49
CA GLY A 128 -3.34 15.86 -4.08
C GLY A 128 -2.09 16.27 -3.32
N VAL A 129 -2.22 16.34 -2.01
CA VAL A 129 -1.09 16.62 -1.12
C VAL A 129 -0.59 15.30 -0.52
N PRO A 130 0.63 14.87 -0.90
CA PRO A 130 1.17 13.62 -0.35
C PRO A 130 1.40 13.69 1.17
N VAL A 131 1.06 12.63 1.88
CA VAL A 131 1.30 12.56 3.33
C VAL A 131 2.18 11.37 3.70
N SER A 132 2.25 10.36 2.84
CA SER A 132 3.05 9.17 3.13
C SER A 132 3.55 8.46 1.88
N VAL A 133 4.67 7.77 2.02
CA VAL A 133 5.23 6.94 0.95
C VAL A 133 5.56 5.57 1.54
N GLU A 134 5.09 4.51 0.88
CA GLU A 134 5.19 3.17 1.43
C GLU A 134 5.65 2.13 0.40
N PRO A 135 6.97 1.96 0.26
CA PRO A 135 7.52 0.87 -0.55
C PRO A 135 7.08 -0.48 0.00
N GLY A 136 7.02 -1.49 -0.87
CA GLY A 136 6.68 -2.84 -0.45
C GLY A 136 7.90 -3.69 -0.22
N GLY A 137 7.73 -4.79 0.51
CA GLY A 137 8.82 -5.70 0.80
C GLY A 137 8.41 -6.68 1.87
N MET A 138 9.36 -7.51 2.32
CA MET A 138 9.05 -8.53 3.31
C MET A 138 9.32 -8.01 4.70
N TRP A 139 8.33 -8.16 5.57
CA TRP A 139 8.46 -7.82 6.98
C TRP A 139 8.47 -9.11 7.77
N TYR A 140 9.47 -9.29 8.64
CA TYR A 140 9.69 -10.58 9.28
C TYR A 140 10.13 -10.50 10.73
N SER A 141 9.95 -11.61 11.43
CA SER A 141 10.44 -11.77 12.79
C SER A 141 11.85 -12.32 12.75
N LYS A 142 12.82 -11.52 13.20
CA LYS A 142 14.20 -11.93 13.23
C LYS A 142 14.39 -13.15 14.13
N ASP A 143 13.56 -13.24 15.17
CA ASP A 143 13.65 -14.34 16.12
C ASP A 143 13.20 -15.67 15.52
N LEU A 144 12.06 -15.66 14.84
CA LEU A 144 11.55 -16.86 14.20
C LEU A 144 12.44 -17.32 13.06
N PHE A 145 13.08 -16.36 12.39
CA PHE A 145 14.02 -16.68 11.32
C PHE A 145 15.24 -17.42 11.89
N LYS A 146 15.82 -16.88 12.95
CA LYS A 146 16.97 -17.52 13.59
C LYS A 146 16.62 -18.90 14.13
N LYS A 147 15.39 -19.04 14.65
CA LYS A 147 14.95 -20.33 15.19
C LYS A 147 14.82 -21.39 14.11
N ALA A 148 14.68 -20.97 12.86
CA ALA A 148 14.57 -21.89 11.73
C ALA A 148 15.91 -22.09 11.03
N GLY A 149 16.94 -21.38 11.49
CA GLY A 149 18.26 -21.48 10.91
C GLY A 149 18.46 -20.60 9.69
N VAL A 150 17.64 -19.55 9.59
CA VAL A 150 17.79 -18.57 8.51
C VAL A 150 18.61 -17.39 9.02
N SER A 151 19.90 -17.39 8.68
CA SER A 151 20.84 -16.41 9.19
C SER A 151 21.00 -15.22 8.25
N ASP A 152 20.51 -15.37 7.03
CA ASP A 152 20.59 -14.32 6.03
C ASP A 152 19.26 -14.25 5.28
N VAL A 153 18.77 -13.04 5.05
CA VAL A 153 17.53 -12.88 4.30
C VAL A 153 17.77 -13.40 2.89
N PRO A 154 16.73 -14.00 2.28
CA PRO A 154 16.89 -14.62 0.96
C PRO A 154 17.06 -13.62 -0.18
N ALA A 155 18.14 -13.74 -0.92
CA ALA A 155 18.41 -12.86 -2.05
C ALA A 155 17.55 -13.25 -3.25
N THR A 156 17.24 -14.54 -3.37
CA THR A 156 16.49 -15.05 -4.51
C THR A 156 15.19 -15.73 -4.07
N TYR A 157 14.31 -15.95 -5.04
CA TYR A 157 13.01 -16.55 -4.78
C TYR A 157 13.15 -18.00 -4.33
N GLU A 158 14.04 -18.74 -4.99
CA GLU A 158 14.30 -20.12 -4.62
C GLU A 158 14.79 -20.22 -3.18
N GLU A 159 15.64 -19.28 -2.79
CA GLU A 159 16.14 -19.22 -1.41
C GLU A 159 15.02 -18.86 -0.44
N LEU A 160 14.11 -17.99 -0.88
CA LEU A 160 12.95 -17.64 -0.07
C LEU A 160 12.09 -18.87 0.15
N LEU A 161 11.86 -19.63 -0.91
CA LEU A 161 11.07 -20.86 -0.83
C LEU A 161 11.75 -21.88 0.09
N ALA A 162 13.06 -21.99 -0.02
CA ALA A 162 13.82 -22.89 0.85
C ALA A 162 13.69 -22.47 2.30
N ASP A 163 13.71 -21.16 2.54
CA ASP A 163 13.60 -20.63 3.89
C ASP A 163 12.21 -20.90 4.47
N ALA A 164 11.19 -20.83 3.63
CA ALA A 164 9.83 -21.11 4.06
C ALA A 164 9.70 -22.56 4.52
N LYS A 165 10.33 -23.46 3.79
CA LYS A 165 10.35 -24.87 4.18
C LYS A 165 10.99 -25.04 5.55
N LYS A 166 12.11 -24.37 5.77
CA LYS A 166 12.82 -24.45 7.05
C LYS A 166 11.98 -23.87 8.18
N LEU A 167 11.29 -22.77 7.92
CA LEU A 167 10.41 -22.16 8.91
C LEU A 167 9.27 -23.10 9.25
N LYS A 168 8.75 -23.81 8.25
CA LYS A 168 7.69 -24.77 8.48
C LYS A 168 8.18 -25.94 9.31
N ASP A 169 9.34 -26.47 8.96
CA ASP A 169 9.93 -27.59 9.69
C ASP A 169 10.24 -27.19 11.14
N SER A 170 10.44 -25.90 11.36
CA SER A 170 10.79 -25.41 12.69
C SER A 170 9.54 -25.16 13.55
N GLY A 171 8.38 -25.45 12.99
CA GLY A 171 7.14 -25.42 13.76
C GLY A 171 6.43 -24.07 13.82
N THR A 172 6.65 -23.22 12.82
CA THR A 172 5.89 -21.98 12.69
C THR A 172 5.30 -21.88 11.29
N ASP A 173 4.34 -20.98 11.13
CA ASP A 173 3.82 -20.66 9.81
C ASP A 173 4.78 -19.69 9.14
N ALA A 174 5.33 -20.10 8.01
CA ALA A 174 6.35 -19.31 7.34
C ALA A 174 5.82 -17.94 6.91
N ILE A 175 4.67 -17.94 6.24
CA ILE A 175 4.13 -16.73 5.63
C ILE A 175 2.69 -16.46 6.05
N ALA A 176 2.48 -15.31 6.68
CA ALA A 176 1.13 -14.83 6.97
C ALA A 176 0.58 -14.19 5.70
N LEU A 177 -0.65 -14.53 5.35
CA LEU A 177 -1.25 -14.06 4.11
C LEU A 177 -2.72 -13.69 4.29
N GLY A 178 -3.02 -12.41 4.17
CA GLY A 178 -4.37 -11.91 4.34
C GLY A 178 -5.20 -12.01 3.07
N ALA A 179 -5.38 -13.24 2.59
CA ALA A 179 -5.96 -13.46 1.26
C ALA A 179 -7.45 -13.16 1.16
N LYS A 180 -8.14 -13.01 2.29
CA LYS A 180 -9.55 -12.66 2.23
C LYS A 180 -9.75 -11.27 1.64
N ASP A 181 -8.77 -10.39 1.88
CA ASP A 181 -8.81 -9.03 1.33
C ASP A 181 -8.32 -9.01 -0.12
N ALA A 182 -7.82 -10.15 -0.58
CA ALA A 182 -7.41 -10.36 -1.97
C ALA A 182 -6.11 -9.65 -2.35
N TRP A 183 -6.02 -8.34 -2.15
CA TRP A 183 -4.82 -7.61 -2.55
C TRP A 183 -3.53 -8.05 -1.83
N PRO A 184 -3.62 -8.49 -0.56
CA PRO A 184 -2.37 -8.96 0.06
C PRO A 184 -1.79 -10.18 -0.65
N ALA A 185 -2.67 -11.04 -1.15
CA ALA A 185 -2.24 -12.19 -1.96
C ALA A 185 -1.71 -11.72 -3.30
N ALA A 186 -2.41 -10.78 -3.91
CA ALA A 186 -2.04 -10.26 -5.21
C ALA A 186 -0.65 -9.62 -5.20
N HIS A 187 -0.24 -9.10 -4.04
CA HIS A 187 1.07 -8.46 -3.92
C HIS A 187 2.20 -9.41 -4.30
N TRP A 188 2.04 -10.69 -3.97
CA TRP A 188 3.02 -11.69 -4.36
C TRP A 188 3.10 -11.75 -5.88
N TYR A 189 1.94 -11.70 -6.53
CA TYR A 189 1.88 -11.74 -7.99
C TYR A 189 2.49 -10.48 -8.60
N TYR A 190 2.17 -9.31 -8.04
CA TYR A 190 2.72 -8.05 -8.55
C TYR A 190 4.24 -8.11 -8.59
N TRP A 191 4.83 -8.49 -7.47
CA TRP A 191 6.28 -8.51 -7.31
C TRP A 191 6.92 -9.52 -8.25
N LEU A 192 6.27 -10.66 -8.43
CA LEU A 192 6.80 -11.69 -9.33
C LEU A 192 6.79 -11.22 -10.78
N VAL A 193 5.76 -10.47 -11.17
CA VAL A 193 5.71 -9.91 -12.52
C VAL A 193 6.81 -8.87 -12.68
N LEU A 194 6.95 -8.00 -11.69
CA LEU A 194 7.98 -6.98 -11.72
C LEU A 194 9.38 -7.58 -11.84
N ARG A 195 9.58 -8.75 -11.23
CA ARG A 195 10.87 -9.43 -11.27
C ARG A 195 11.05 -10.22 -12.56
N GLU A 196 9.95 -10.71 -13.13
CA GLU A 196 10.01 -11.55 -14.33
C GLU A 196 10.05 -10.73 -15.61
N CYS A 197 9.16 -9.74 -15.72
CA CYS A 197 9.05 -8.94 -16.93
C CYS A 197 10.20 -7.94 -17.06
N SER A 198 10.64 -7.71 -18.28
CA SER A 198 11.62 -6.67 -18.55
C SER A 198 10.94 -5.32 -18.28
N PRO A 199 11.73 -4.31 -17.89
CA PRO A 199 11.13 -3.00 -17.59
C PRO A 199 10.29 -2.46 -18.74
N GLU A 200 10.68 -2.83 -19.97
CA GLU A 200 9.98 -2.40 -21.16
C GLU A 200 8.61 -3.05 -21.25
N VAL A 201 8.59 -4.37 -21.13
CA VAL A 201 7.34 -5.11 -21.21
C VAL A 201 6.40 -4.71 -20.08
N TYR A 202 6.95 -4.49 -18.89
CA TYR A 202 6.15 -4.10 -17.74
C TYR A 202 5.46 -2.77 -17.98
N ASP A 203 6.24 -1.78 -18.41
CA ASP A 203 5.72 -0.43 -18.59
C ASP A 203 4.66 -0.39 -19.69
N LYS A 204 4.93 -1.10 -20.79
CA LYS A 204 3.99 -1.15 -21.91
C LYS A 204 2.74 -1.94 -21.51
N SER A 205 2.96 -3.07 -20.85
CA SER A 205 1.85 -3.90 -20.39
C SER A 205 0.89 -3.12 -19.50
N VAL A 206 1.46 -2.32 -18.60
CA VAL A 206 0.67 -1.53 -17.67
C VAL A 206 0.02 -0.34 -18.37
N GLN A 207 0.75 0.32 -19.26
CA GLN A 207 0.23 1.48 -19.98
C GLN A 207 -0.83 1.09 -21.02
N ASP A 208 -0.56 0.03 -21.77
CA ASP A 208 -1.42 -0.37 -22.87
C ASP A 208 -2.44 -1.43 -22.47
N HIS A 209 -2.34 -1.91 -21.23
CA HIS A 209 -3.16 -3.03 -20.77
C HIS A 209 -2.98 -4.23 -21.70
N ASP A 210 -1.71 -4.56 -21.95
CA ASP A 210 -1.34 -5.71 -22.77
C ASP A 210 -0.68 -6.77 -21.88
N PHE A 211 -1.32 -7.92 -21.77
CA PHE A 211 -0.85 -8.99 -20.88
C PHE A 211 -0.58 -10.27 -21.67
N SER A 212 0.01 -10.12 -22.85
CA SER A 212 0.25 -11.24 -23.74
C SER A 212 1.62 -11.89 -23.53
N ASN A 213 2.56 -11.14 -22.96
CA ASN A 213 3.91 -11.67 -22.74
C ASN A 213 3.89 -12.83 -21.75
N ALA A 214 4.77 -13.80 -21.99
CA ALA A 214 4.81 -15.03 -21.20
C ALA A 214 5.09 -14.78 -19.72
N CYS A 215 5.74 -13.66 -19.41
CA CYS A 215 6.12 -13.36 -18.03
C CYS A 215 4.90 -13.24 -17.11
N TRP A 216 3.76 -12.87 -17.68
CA TRP A 216 2.53 -12.75 -16.89
C TRP A 216 2.03 -14.12 -16.43
N VAL A 217 2.32 -15.14 -17.23
CA VAL A 217 1.96 -16.51 -16.87
C VAL A 217 3.00 -17.10 -15.93
N ASN A 218 4.27 -16.88 -16.24
CA ASN A 218 5.37 -17.41 -15.44
C ASN A 218 5.30 -16.94 -13.98
N ALA A 219 4.95 -15.67 -13.80
CA ALA A 219 4.77 -15.11 -12.46
C ALA A 219 3.70 -15.90 -11.70
N GLY A 220 2.61 -16.22 -12.38
CA GLY A 220 1.55 -16.99 -11.79
C GLY A 220 2.01 -18.39 -11.40
N LYS A 221 2.81 -18.99 -12.27
CA LYS A 221 3.33 -20.33 -12.03
C LYS A 221 4.27 -20.35 -10.83
N LYS A 222 5.09 -19.31 -10.70
CA LYS A 222 6.00 -19.19 -9.56
C LYS A 222 5.22 -19.04 -8.26
N LEU A 223 4.09 -18.35 -8.32
CA LEU A 223 3.26 -18.16 -7.13
C LEU A 223 2.55 -19.47 -6.78
N GLN A 224 2.17 -20.24 -7.80
CA GLN A 224 1.53 -21.53 -7.59
C GLN A 224 2.49 -22.49 -6.90
N GLU A 225 3.78 -22.37 -7.23
CA GLU A 225 4.81 -23.18 -6.61
C GLU A 225 4.86 -22.92 -5.11
N LEU A 226 4.79 -21.65 -4.74
CA LEU A 226 4.81 -21.26 -3.33
C LEU A 226 3.57 -21.82 -2.62
N LYS A 227 2.42 -21.68 -3.26
CA LYS A 227 1.17 -22.14 -2.66
C LYS A 227 1.18 -23.65 -2.43
N ASP A 228 1.80 -24.39 -3.34
CA ASP A 228 1.82 -25.85 -3.25
C ASP A 228 2.80 -26.35 -2.19
N LEU A 229 3.59 -25.45 -1.62
CA LEU A 229 4.47 -25.80 -0.50
C LEU A 229 3.66 -25.83 0.80
N LYS A 230 2.49 -25.21 0.79
CA LYS A 230 1.63 -25.16 1.97
C LYS A 230 2.37 -24.56 3.16
N VAL A 231 2.87 -23.35 2.98
CA VAL A 231 3.65 -22.65 4.00
C VAL A 231 2.94 -21.38 4.47
N PHE A 232 1.69 -21.20 4.04
CA PHE A 232 0.87 -20.10 4.53
C PHE A 232 0.23 -20.50 5.87
N ASN A 233 -0.25 -19.52 6.61
CA ASN A 233 -1.08 -19.81 7.78
C ASN A 233 -2.33 -20.53 7.28
N ASP A 234 -2.82 -21.50 8.05
CA ASP A 234 -3.85 -22.42 7.57
C ASP A 234 -5.11 -21.75 7.03
N GLY A 235 -5.59 -20.74 7.73
CA GLY A 235 -6.81 -20.05 7.34
C GLY A 235 -6.58 -18.83 6.47
N PHE A 236 -5.56 -18.86 5.62
CA PHE A 236 -5.20 -17.67 4.83
C PHE A 236 -6.35 -17.16 3.97
N LEU A 237 -7.18 -18.05 3.45
CA LEU A 237 -8.30 -17.64 2.60
C LEU A 237 -9.37 -16.85 3.37
N THR A 238 -9.40 -16.99 4.69
CA THR A 238 -10.34 -16.26 5.52
C THR A 238 -9.64 -15.20 6.38
N THR A 239 -8.36 -14.98 6.12
CA THR A 239 -7.56 -14.02 6.87
C THR A 239 -7.54 -12.65 6.16
N THR A 240 -7.94 -11.62 6.91
CA THR A 240 -7.81 -10.23 6.47
C THR A 240 -6.38 -9.74 6.71
N ALA A 241 -6.05 -8.61 6.11
CA ALA A 241 -4.71 -8.06 6.22
C ALA A 241 -4.44 -7.42 7.60
N GLN A 242 -5.45 -6.74 8.14
CA GLN A 242 -5.20 -5.80 9.24
C GLN A 242 -6.24 -5.81 10.38
N GLN A 243 -7.29 -6.62 10.26
CA GLN A 243 -8.35 -6.59 11.26
C GLN A 243 -8.22 -7.73 12.28
N GLY A 244 -7.80 -7.38 13.49
CA GLY A 244 -7.74 -8.31 14.60
C GLY A 244 -6.39 -8.94 14.83
N ALA A 245 -6.25 -9.62 15.96
CA ALA A 245 -5.00 -10.27 16.33
C ALA A 245 -4.65 -11.42 15.39
N ASN A 246 -5.65 -11.96 14.71
CA ASN A 246 -5.45 -13.10 13.82
C ASN A 246 -5.39 -12.70 12.34
N SER A 247 -5.33 -11.40 12.08
CA SER A 247 -5.07 -10.92 10.74
C SER A 247 -3.62 -11.26 10.40
N SER A 248 -3.24 -11.14 9.13
CA SER A 248 -1.88 -11.50 8.73
C SER A 248 -0.86 -10.65 9.48
N ALA A 249 -1.13 -9.36 9.61
CA ALA A 249 -0.28 -8.48 10.41
C ALA A 249 -0.28 -8.93 11.86
N GLY A 250 -1.45 -9.27 12.37
CA GLY A 250 -1.61 -9.74 13.73
C GLY A 250 -0.81 -10.99 14.03
N LEU A 251 -0.78 -11.93 13.09
CA LEU A 251 -0.02 -13.16 13.26
C LEU A 251 1.48 -12.86 13.35
N LEU A 252 1.95 -11.97 12.49
CA LEU A 252 3.35 -11.56 12.52
C LEU A 252 3.66 -10.84 13.83
N ALA A 253 2.78 -9.92 14.22
CA ALA A 253 2.97 -9.13 15.43
C ALA A 253 3.08 -10.01 16.67
N ASN A 254 2.29 -11.08 16.71
CA ASN A 254 2.24 -11.97 17.85
C ASN A 254 3.09 -13.22 17.65
N HIS A 255 3.95 -13.19 16.63
CA HIS A 255 4.91 -14.27 16.38
C HIS A 255 4.23 -15.62 16.18
N LYS A 256 3.09 -15.62 15.52
CA LYS A 256 2.42 -16.85 15.10
C LYS A 256 2.77 -17.16 13.65
N ALA A 257 3.48 -16.23 13.01
CA ALA A 257 3.94 -16.42 11.64
C ALA A 257 5.21 -15.59 11.42
N ALA A 258 6.07 -16.05 10.51
CA ALA A 258 7.42 -15.52 10.41
C ALA A 258 7.57 -14.28 9.55
N MET A 259 6.71 -14.12 8.54
CA MET A 259 6.85 -12.99 7.62
C MET A 259 5.56 -12.70 6.86
N GLU A 260 5.45 -11.47 6.35
CA GLU A 260 4.45 -11.16 5.33
C GLU A 260 4.93 -10.06 4.38
N LEU A 261 4.41 -10.10 3.15
CA LEU A 261 4.75 -9.14 2.11
C LEU A 261 3.74 -7.99 2.15
N MET A 262 4.22 -6.78 2.40
CA MET A 262 3.34 -5.67 2.77
C MET A 262 4.03 -4.32 2.55
N GLY A 263 3.23 -3.26 2.48
CA GLY A 263 3.76 -1.91 2.36
C GLY A 263 4.34 -1.42 3.68
N ALA A 264 5.02 -0.28 3.63
CA ALA A 264 5.78 0.21 4.78
C ALA A 264 4.94 0.88 5.86
N TRP A 265 3.62 0.77 5.75
CA TRP A 265 2.73 1.11 6.84
C TRP A 265 2.79 0.03 7.92
N GLU A 266 3.51 -1.05 7.62
CA GLU A 266 3.49 -2.27 8.43
C GLU A 266 3.78 -2.05 9.93
N PRO A 267 4.87 -1.33 10.26
CA PRO A 267 5.23 -1.20 11.69
C PRO A 267 4.13 -0.61 12.56
N GLY A 268 3.36 0.33 12.03
CA GLY A 268 2.30 0.97 12.79
C GLY A 268 1.07 0.11 12.92
N VAL A 269 0.90 -0.83 12.00
CA VAL A 269 -0.21 -1.77 12.07
C VAL A 269 0.12 -2.85 13.10
N LEU A 270 1.37 -3.32 13.06
CA LEU A 270 1.82 -4.34 13.98
C LEU A 270 1.75 -3.84 15.42
N LYS A 271 2.23 -2.62 15.65
CA LYS A 271 2.35 -2.08 17.01
C LYS A 271 1.00 -1.99 17.74
N ASP A 272 -0.09 -1.89 17.00
CA ASP A 272 -1.43 -1.81 17.61
C ASP A 272 -2.12 -3.17 17.70
N LEU A 273 -1.45 -4.22 17.22
CA LEU A 273 -2.00 -5.58 17.28
C LEU A 273 -1.22 -6.47 18.24
N THR A 274 -0.19 -5.92 18.88
CA THR A 274 0.55 -6.63 19.92
C THR A 274 -0.26 -6.62 21.21
N PRO A 275 0.06 -7.54 22.15
CA PRO A 275 -0.82 -7.65 23.32
C PRO A 275 -0.74 -6.45 24.26
N ASP A 276 0.40 -5.75 24.23
CA ASP A 276 0.58 -4.53 25.01
C ASP A 276 0.44 -3.30 24.10
N GLN A 277 0.23 -3.54 22.82
CA GLN A 277 0.09 -2.47 21.83
C GLN A 277 1.32 -1.56 21.79
N LYS A 278 2.49 -2.18 21.94
CA LYS A 278 3.77 -1.51 21.73
C LYS A 278 4.41 -2.11 20.48
N PRO A 279 5.40 -1.40 19.89
CA PRO A 279 6.03 -1.86 18.65
C PRO A 279 6.64 -3.27 18.75
N MET A 280 6.62 -4.00 17.64
CA MET A 280 7.18 -5.34 17.59
C MET A 280 8.71 -5.27 17.69
N ALA A 281 9.24 -5.92 18.71
CA ALA A 281 10.65 -5.79 19.09
C ALA A 281 11.63 -6.24 18.01
N ASP A 282 11.38 -7.40 17.41
CA ASP A 282 12.34 -8.02 16.51
C ASP A 282 11.93 -7.90 15.03
N LEU A 283 11.29 -6.80 14.68
CA LEU A 283 10.83 -6.58 13.31
C LEU A 283 11.98 -6.25 12.38
N GLY A 284 12.09 -7.00 11.29
CA GLY A 284 13.09 -6.75 10.27
C GLY A 284 12.45 -6.57 8.90
N PHE A 285 13.22 -6.03 7.95
CA PHE A 285 12.76 -5.84 6.59
C PHE A 285 13.79 -6.34 5.59
N PHE A 286 13.32 -6.90 4.49
CA PHE A 286 14.17 -7.15 3.33
C PHE A 286 13.37 -7.05 2.04
N ALA A 287 14.04 -6.61 0.97
CA ALA A 287 13.39 -6.38 -0.31
C ALA A 287 12.91 -7.71 -0.88
N PHE A 288 11.85 -7.67 -1.67
CA PHE A 288 11.38 -8.86 -2.36
C PHE A 288 12.53 -9.41 -3.19
N PRO A 289 12.77 -10.72 -3.13
CA PRO A 289 13.98 -11.25 -3.77
C PRO A 289 13.96 -11.20 -5.29
N GLU A 290 15.13 -11.45 -5.89
CA GLU A 290 15.25 -11.54 -7.33
C GLU A 290 14.81 -12.92 -7.78
N VAL A 291 14.41 -13.02 -9.05
CA VAL A 291 13.98 -14.29 -9.62
C VAL A 291 14.94 -14.69 -10.73
N ALA A 292 15.55 -15.87 -10.57
CA ALA A 292 16.48 -16.40 -11.56
C ALA A 292 15.77 -16.56 -12.90
N GLY A 293 16.38 -16.01 -13.95
CA GLY A 293 15.82 -16.09 -15.28
C GLY A 293 14.91 -14.91 -15.60
N GLY A 294 14.58 -14.12 -14.58
CA GLY A 294 13.75 -12.95 -14.76
C GLY A 294 14.56 -11.80 -15.35
N GLU A 295 13.90 -10.97 -16.14
CA GLU A 295 14.58 -9.84 -16.79
C GLU A 295 14.17 -8.49 -16.19
N GLY A 296 13.56 -8.53 -15.01
CA GLY A 296 13.22 -7.32 -14.29
C GLY A 296 14.46 -6.57 -13.86
N GLU A 297 14.32 -5.26 -13.69
CA GLU A 297 15.43 -4.42 -13.25
C GLU A 297 15.82 -4.78 -11.82
N PRO A 298 17.12 -5.06 -11.58
CA PRO A 298 17.52 -5.37 -10.20
C PRO A 298 17.31 -4.19 -9.27
N GLY A 299 16.61 -4.42 -8.17
CA GLY A 299 16.40 -3.38 -7.17
C GLY A 299 15.16 -2.54 -7.41
N ALA A 300 14.41 -2.86 -8.45
CA ALA A 300 13.18 -2.13 -8.76
C ALA A 300 12.21 -2.14 -7.58
N LEU A 301 11.65 -0.98 -7.27
CA LEU A 301 10.72 -0.83 -6.17
C LEU A 301 9.28 -0.81 -6.65
N MET A 302 8.39 -1.36 -5.83
CA MET A 302 6.97 -1.13 -5.97
C MET A 302 6.45 -0.65 -4.62
N GLY A 303 5.46 0.23 -4.65
CA GLY A 303 4.89 0.75 -3.43
C GLY A 303 3.72 1.67 -3.69
N GLY A 304 3.37 2.45 -2.67
CA GLY A 304 2.30 3.42 -2.79
C GLY A 304 2.72 4.78 -2.28
N VAL A 305 2.04 5.80 -2.77
CA VAL A 305 2.08 7.12 -2.17
C VAL A 305 0.65 7.50 -1.87
N THR A 306 0.40 7.89 -0.62
CA THR A 306 -0.92 8.36 -0.22
C THR A 306 -0.92 9.88 -0.23
N TYR A 307 -1.92 10.44 -0.88
CA TYR A 307 -2.15 11.88 -0.86
C TYR A 307 -3.63 12.11 -0.60
N PHE A 308 -3.96 13.31 -0.14
CA PHE A 308 -5.35 13.66 0.09
C PHE A 308 -5.84 14.66 -0.94
N CYS A 309 -7.04 14.39 -1.43
CA CYS A 309 -7.62 15.10 -2.55
C CYS A 309 -8.75 15.99 -2.07
N VAL A 310 -9.20 16.88 -2.95
CA VAL A 310 -10.26 17.82 -2.61
C VAL A 310 -11.40 17.72 -3.62
N ASN A 311 -12.62 17.70 -3.09
CA ASN A 311 -13.84 17.71 -3.90
C ASN A 311 -13.85 18.97 -4.78
N PRO A 312 -14.20 18.82 -6.07
CA PRO A 312 -14.25 20.02 -6.92
C PRO A 312 -15.20 21.10 -6.39
N LYS A 313 -16.16 20.69 -5.57
CA LYS A 313 -17.15 21.62 -5.03
C LYS A 313 -16.78 22.16 -3.66
N ALA A 314 -15.58 21.84 -3.18
CA ALA A 314 -15.15 22.23 -1.85
C ALA A 314 -14.72 23.70 -1.78
N SER A 315 -14.71 24.24 -0.57
CA SER A 315 -14.29 25.63 -0.35
C SER A 315 -12.78 25.70 -0.07
N GLN A 316 -12.28 26.91 0.12
CA GLN A 316 -10.85 27.11 0.39
C GLN A 316 -10.44 26.46 1.71
N THR A 317 -11.40 26.27 2.61
CA THR A 317 -11.13 25.66 3.90
C THR A 317 -10.58 24.24 3.73
N SER A 318 -11.11 23.52 2.76
CA SER A 318 -10.63 22.18 2.44
C SER A 318 -9.20 22.23 1.90
N ILE A 319 -8.92 23.22 1.07
CA ILE A 319 -7.58 23.41 0.52
C ILE A 319 -6.58 23.70 1.63
N ASP A 320 -6.98 24.57 2.55
CA ASP A 320 -6.12 24.93 3.67
C ASP A 320 -5.84 23.69 4.53
N PHE A 321 -6.83 22.81 4.66
CA PHE A 321 -6.68 21.63 5.50
C PHE A 321 -5.69 20.63 4.92
N VAL A 322 -5.75 20.39 3.61
CA VAL A 322 -4.79 19.46 3.00
C VAL A 322 -3.39 20.04 3.02
N ASN A 323 -3.26 21.35 2.81
CA ASN A 323 -1.95 22.00 2.92
C ASN A 323 -1.44 21.92 4.36
N TYR A 324 -2.35 22.03 5.31
CA TYR A 324 -2.03 21.92 6.73
C TYR A 324 -1.39 20.56 7.02
N MET A 325 -1.89 19.51 6.35
CA MET A 325 -1.32 18.18 6.50
C MET A 325 0.16 18.16 6.13
N GLY A 326 0.53 18.96 5.14
CA GLY A 326 1.87 18.94 4.60
C GLY A 326 2.88 19.67 5.43
N GLU A 327 2.41 20.43 6.42
CA GLU A 327 3.32 21.18 7.29
C GLU A 327 4.23 20.22 8.04
N LYS A 328 5.51 20.61 8.17
CA LYS A 328 6.55 19.74 8.69
C LYS A 328 6.21 19.10 10.03
N LYS A 329 5.68 19.88 10.96
CA LYS A 329 5.34 19.37 12.28
C LYS A 329 4.25 18.31 12.20
N ASN A 330 3.26 18.54 11.34
CA ASN A 330 2.15 17.61 11.20
C ASN A 330 2.59 16.30 10.54
N GLN A 331 3.54 16.39 9.61
CA GLN A 331 4.09 15.21 8.96
C GLN A 331 4.97 14.41 9.91
N GLU A 332 5.61 15.11 10.84
CA GLU A 332 6.42 14.45 11.86
C GLU A 332 5.52 13.70 12.84
N ASP A 333 4.42 14.33 13.24
CA ASP A 333 3.43 13.66 14.09
C ASP A 333 2.81 12.49 13.35
N TYR A 334 2.65 12.64 12.04
CA TYR A 334 2.09 11.58 11.20
C TYR A 334 2.99 10.36 11.23
N ALA A 335 4.29 10.59 11.02
CA ALA A 335 5.28 9.51 11.03
C ALA A 335 5.28 8.77 12.36
N LYS A 336 5.13 9.53 13.45
CA LYS A 336 5.14 8.95 14.79
C LYS A 336 3.86 8.16 15.07
N ALA A 337 2.72 8.74 14.71
CA ALA A 337 1.44 8.08 14.94
C ALA A 337 1.32 6.80 14.12
N PHE A 338 1.62 6.90 12.83
CA PHE A 338 1.44 5.78 11.91
C PHE A 338 2.63 4.84 11.84
N SER A 339 3.76 5.24 12.44
CA SER A 339 5.01 4.48 12.32
C SER A 339 5.27 4.07 10.87
N THR A 340 5.31 5.06 10.00
CA THR A 340 5.57 4.85 8.57
C THR A 340 6.48 5.97 8.09
N ILE A 341 6.72 6.01 6.78
CA ILE A 341 7.57 7.05 6.20
C ILE A 341 6.69 8.22 5.74
N PRO A 342 6.93 9.42 6.30
CA PRO A 342 6.17 10.57 5.82
C PRO A 342 6.62 11.00 4.42
N ALA A 343 5.73 11.63 3.67
CA ALA A 343 6.08 12.09 2.33
C ALA A 343 7.06 13.25 2.40
N SER A 344 6.85 14.14 3.36
CA SER A 344 7.74 15.28 3.58
C SER A 344 9.15 14.81 3.91
N GLU A 345 10.10 15.16 3.06
CA GLU A 345 11.51 14.75 3.21
C GLU A 345 12.10 15.17 4.56
N PRO A 346 12.01 16.46 4.91
CA PRO A 346 12.58 16.88 6.19
C PRO A 346 11.93 16.19 7.38
N ALA A 347 10.64 15.84 7.26
CA ALA A 347 9.92 15.19 8.34
C ALA A 347 10.43 13.77 8.61
N ARG A 348 11.11 13.19 7.62
CA ARG A 348 11.60 11.82 7.76
C ARG A 348 12.70 11.71 8.82
N ALA A 349 13.17 12.84 9.32
CA ALA A 349 14.22 12.86 10.32
C ALA A 349 13.79 12.25 11.65
N VAL A 350 12.48 12.26 11.91
CA VAL A 350 11.96 11.73 13.18
C VAL A 350 11.67 10.23 13.12
N VAL A 351 11.91 9.61 11.97
CA VAL A 351 11.73 8.17 11.82
C VAL A 351 12.81 7.44 12.61
N THR A 352 12.38 6.63 13.58
CA THR A 352 13.31 5.96 14.49
C THR A 352 13.35 4.44 14.28
N ASP A 353 12.24 3.87 13.82
CA ASP A 353 12.17 2.41 13.61
C ASP A 353 13.28 1.96 12.68
N GLU A 354 14.05 0.97 13.11
CA GLU A 354 15.24 0.54 12.39
C GLU A 354 14.92 0.02 11.00
N SER A 355 13.86 -0.78 10.88
CA SER A 355 13.49 -1.33 9.59
C SER A 355 13.02 -0.24 8.64
N LEU A 356 12.33 0.77 9.17
CA LEU A 356 11.88 1.89 8.35
C LEU A 356 13.07 2.69 7.83
N LYS A 357 14.09 2.83 8.66
CA LYS A 357 15.30 3.55 8.24
C LYS A 357 15.99 2.82 7.08
N GLN A 358 15.88 1.50 7.08
CA GLN A 358 16.44 0.71 5.99
C GLN A 358 15.62 0.86 4.72
N VAL A 359 14.30 0.96 4.86
CA VAL A 359 13.42 1.18 3.71
C VAL A 359 13.65 2.57 3.11
N ILE A 360 13.88 3.57 3.96
CA ILE A 360 14.16 4.92 3.49
C ILE A 360 15.43 4.95 2.65
N GLU A 361 16.45 4.22 3.10
CA GLU A 361 17.70 4.10 2.35
C GLU A 361 17.41 3.42 1.02
N TYR A 362 16.79 2.25 1.13
CA TYR A 362 16.23 1.49 0.01
C TYR A 362 15.51 2.43 -0.98
N LEU A 363 14.63 3.26 -0.46
CA LEU A 363 13.86 4.20 -1.27
C LEU A 363 14.74 5.26 -1.93
N ASP A 364 15.69 5.79 -1.17
CA ASP A 364 16.50 6.93 -1.62
C ASP A 364 17.41 6.61 -2.80
N LYS A 365 17.79 5.35 -2.97
CA LYS A 365 18.71 4.96 -4.05
C LYS A 365 18.15 3.85 -4.93
N ALA A 366 16.82 3.74 -4.98
CA ALA A 366 16.16 2.80 -5.88
C ALA A 366 16.21 3.33 -7.31
N PRO A 367 16.37 2.43 -8.30
CA PRO A 367 16.42 2.90 -9.69
C PRO A 367 15.07 3.45 -10.17
N SER A 368 13.98 2.98 -9.56
CA SER A 368 12.63 3.41 -9.93
C SER A 368 11.63 2.88 -8.93
N MET A 369 10.45 3.50 -8.87
CA MET A 369 9.35 2.98 -8.06
C MET A 369 8.03 2.95 -8.83
N GLN A 370 7.52 1.74 -9.06
CA GLN A 370 6.19 1.57 -9.63
C GLN A 370 5.15 1.66 -8.53
N LEU A 371 3.95 2.11 -8.88
CA LEU A 371 2.84 2.08 -7.94
C LEU A 371 2.30 0.65 -7.86
N TRP A 372 1.55 0.35 -6.81
CA TRP A 372 0.91 -0.96 -6.67
C TRP A 372 0.23 -1.31 -7.98
N MET A 373 0.45 -2.53 -8.47
CA MET A 373 0.00 -2.92 -9.80
C MET A 373 -1.51 -2.74 -9.99
N ASP A 374 -2.31 -3.10 -8.99
CA ASP A 374 -3.76 -2.98 -9.15
C ASP A 374 -4.18 -1.52 -9.26
N THR A 375 -3.56 -0.65 -8.47
CA THR A 375 -3.86 0.77 -8.54
C THR A 375 -3.36 1.36 -9.87
N ALA A 376 -2.24 0.84 -10.36
CA ALA A 376 -1.67 1.30 -11.63
C ALA A 376 -2.55 0.88 -12.81
N LEU A 377 -3.27 -0.22 -12.66
CA LEU A 377 -4.07 -0.78 -13.74
C LEU A 377 -5.53 -0.32 -13.72
N GLY A 378 -5.99 0.15 -12.56
CA GLY A 378 -7.34 0.67 -12.42
C GLY A 378 -8.27 -0.27 -11.68
N THR A 379 -9.50 0.19 -11.46
CA THR A 379 -10.47 -0.54 -10.63
C THR A 379 -10.90 -1.86 -11.27
N ASN A 380 -11.28 -1.82 -12.53
CA ASN A 380 -11.78 -3.02 -13.21
C ASN A 380 -10.72 -4.11 -13.31
N ILE A 381 -9.56 -3.78 -13.86
CA ILE A 381 -8.49 -4.77 -14.02
C ILE A 381 -7.93 -5.16 -12.65
N GLY A 382 -7.70 -4.17 -11.79
CA GLY A 382 -7.14 -4.39 -10.48
C GLY A 382 -7.96 -5.35 -9.64
N ASN A 383 -9.27 -5.12 -9.58
CA ASN A 383 -10.15 -5.99 -8.80
C ASN A 383 -10.27 -7.38 -9.41
N ALA A 384 -10.27 -7.43 -10.74
CA ALA A 384 -10.32 -8.71 -11.44
C ALA A 384 -9.05 -9.52 -11.17
N LEU A 385 -7.92 -8.83 -11.25
CA LEU A 385 -6.62 -9.45 -10.99
C LEU A 385 -6.58 -10.05 -9.58
N ASN A 386 -6.92 -9.23 -8.60
CA ASN A 386 -6.84 -9.63 -7.21
C ASN A 386 -7.69 -10.85 -6.90
N ALA A 387 -8.91 -10.88 -7.43
CA ALA A 387 -9.81 -12.01 -7.21
C ALA A 387 -9.30 -13.26 -7.91
N ALA A 388 -8.73 -13.08 -9.10
CA ALA A 388 -8.21 -14.20 -9.88
C ALA A 388 -7.02 -14.85 -9.17
N VAL A 389 -6.18 -14.03 -8.54
CA VAL A 389 -5.05 -14.56 -7.78
C VAL A 389 -5.56 -15.42 -6.62
N VAL A 390 -6.58 -14.94 -5.94
CA VAL A 390 -7.17 -15.69 -4.84
C VAL A 390 -7.79 -17.00 -5.34
N ASN A 391 -8.42 -16.96 -6.51
CA ASN A 391 -9.04 -18.16 -7.08
C ASN A 391 -8.00 -19.25 -7.33
N MET A 392 -6.82 -18.85 -7.79
CA MET A 392 -5.74 -19.79 -8.06
CA MET A 392 -5.76 -19.80 -8.05
C MET A 392 -5.20 -20.36 -6.75
N LEU A 393 -5.05 -19.50 -5.75
CA LEU A 393 -4.52 -19.93 -4.45
C LEU A 393 -5.50 -20.90 -3.77
N SER A 394 -6.78 -20.77 -4.09
CA SER A 394 -7.80 -21.65 -3.52
C SER A 394 -7.96 -22.92 -4.35
N GLY A 395 -7.22 -23.02 -5.46
CA GLY A 395 -7.22 -24.19 -6.30
C GLY A 395 -8.35 -24.21 -7.33
N GLN A 396 -9.08 -23.11 -7.42
CA GLN A 396 -10.20 -23.00 -8.34
C GLN A 396 -9.82 -22.20 -9.59
N GLY A 397 -8.52 -22.00 -9.77
CA GLY A 397 -8.03 -21.23 -10.91
C GLY A 397 -6.60 -21.57 -11.21
N SER A 398 -6.10 -21.06 -12.34
CA SER A 398 -4.74 -21.33 -12.79
C SER A 398 -4.02 -20.02 -13.09
N PRO A 399 -2.70 -20.08 -13.29
CA PRO A 399 -1.94 -18.90 -13.73
C PRO A 399 -2.49 -18.32 -15.04
N GLU A 400 -2.93 -19.17 -15.94
CA GLU A 400 -3.52 -18.72 -17.21
C GLU A 400 -4.82 -17.95 -16.96
N ASP A 401 -5.60 -18.39 -15.98
CA ASP A 401 -6.87 -17.77 -15.67
C ASP A 401 -6.69 -16.36 -15.11
N ILE A 402 -5.55 -16.12 -14.46
CA ILE A 402 -5.23 -14.79 -13.96
C ILE A 402 -5.13 -13.82 -15.12
N VAL A 403 -4.33 -14.18 -16.12
CA VAL A 403 -4.15 -13.35 -17.30
C VAL A 403 -5.49 -13.12 -18.02
N LYS A 404 -6.26 -14.20 -18.19
CA LYS A 404 -7.56 -14.11 -18.84
C LYS A 404 -8.49 -13.17 -18.08
N ALA A 405 -8.43 -13.21 -16.75
CA ALA A 405 -9.25 -12.33 -15.92
C ALA A 405 -8.87 -10.87 -16.16
N MET A 406 -7.58 -10.59 -16.22
CA MET A 406 -7.09 -9.23 -16.47
C MET A 406 -7.50 -8.75 -17.85
N GLN A 407 -7.35 -9.61 -18.85
CA GLN A 407 -7.71 -9.26 -20.23
C GLN A 407 -9.20 -8.96 -20.34
N ASP A 408 -10.00 -9.80 -19.72
CA ASP A 408 -11.46 -9.64 -19.72
C ASP A 408 -11.85 -8.28 -19.15
N ALA A 409 -11.30 -7.97 -17.98
CA ALA A 409 -11.59 -6.71 -17.29
C ALA A 409 -11.10 -5.50 -18.09
N ALA A 410 -9.98 -5.67 -18.78
CA ALA A 410 -9.36 -4.57 -19.52
C ALA A 410 -10.22 -4.09 -20.68
N GLN A 411 -11.19 -4.91 -21.09
CA GLN A 411 -12.06 -4.56 -22.20
C GLN A 411 -12.90 -3.33 -21.87
N LYS A 412 -13.25 -3.18 -20.60
CA LYS A 412 -14.05 -2.04 -20.15
C LYS A 412 -13.19 -0.80 -19.98
N GLY A 413 -11.92 -1.02 -19.61
CA GLY A 413 -11.01 0.07 -19.33
C GLY A 413 -10.68 0.18 -17.85
#